data_3EWL
#
_entry.id   3EWL
#
_cell.length_a   43.905
_cell.length_b   41.606
_cell.length_c   65.600
_cell.angle_alpha   90.00
_cell.angle_beta   105.51
_cell.angle_gamma   90.00
#
_symmetry.space_group_name_H-M   'P 1 21 1'
#
loop_
_entity.id
_entity.type
_entity.pdbx_description
1 polymer 'uncharacterized conserved protein BF1870'
2 water water
#
_entity_poly.entity_id   1
_entity_poly.type   'polypeptide(L)'
_entity_poly.pdbx_seq_one_letter_code
;SNAG(MSE)KAADFTYVTVHGDNSR(MSE)SRLKAQYT(MSE)LFFYDPDCSNCRKFEKLFAEIPAFVE(MSE)VENGTL
RVLAIYPDENREEWATKAVY(MSE)PQGWIVGWNKAGDIRTRQLYDIRATPTIYLLDGRKRVILKDTS(MSE)EQLIDYL
ATQAGK
;
_entity_poly.pdbx_strand_id   A,B
#
# COMPACT_ATOMS: atom_id res chain seq x y z
N SER A 1 -5.57 -12.19 -3.32
CA SER A 1 -4.09 -12.41 -3.36
C SER A 1 -3.34 -11.29 -2.65
N ASN A 2 -2.14 -11.60 -2.19
CA ASN A 2 -1.34 -10.64 -1.44
C ASN A 2 -0.73 -9.57 -2.36
N ALA A 3 -0.51 -8.38 -1.80
CA ALA A 3 0.27 -7.34 -2.44
C ALA A 3 1.52 -7.98 -3.02
N GLY A 4 1.90 -7.58 -4.23
CA GLY A 4 3.15 -8.03 -4.82
C GLY A 4 2.94 -9.32 -5.59
N LYS A 6 0.89 -12.10 -8.19
CA LYS A 6 -0.04 -12.25 -9.31
C LYS A 6 -1.49 -12.40 -8.76
N ALA A 7 -2.34 -11.45 -9.11
CA ALA A 7 -3.73 -11.48 -8.69
C ALA A 7 -4.32 -12.82 -9.16
N ALA A 8 -5.04 -13.51 -8.26
CA ALA A 8 -5.76 -14.72 -8.66
C ALA A 8 -6.74 -14.51 -9.84
N ASP A 9 -6.66 -15.40 -10.82
CA ASP A 9 -7.53 -15.37 -11.97
C ASP A 9 -8.85 -16.09 -11.67
N PHE A 10 -9.91 -15.64 -12.31
CA PHE A 10 -11.24 -16.23 -12.19
C PHE A 10 -12.06 -15.89 -13.43
N THR A 11 -13.19 -16.58 -13.60
CA THR A 11 -14.08 -16.26 -14.71
C THR A 11 -15.27 -15.46 -14.20
N TYR A 12 -16.00 -14.82 -15.12
CA TYR A 12 -17.19 -14.07 -14.75
C TYR A 12 -18.09 -13.98 -15.97
N VAL A 13 -19.35 -13.65 -15.73
CA VAL A 13 -20.29 -13.35 -16.80
C VAL A 13 -20.83 -11.94 -16.59
N THR A 14 -21.11 -11.27 -17.70
CA THR A 14 -21.83 -10.01 -17.64
C THR A 14 -23.28 -10.21 -18.07
N VAL A 15 -24.05 -9.17 -17.84
CA VAL A 15 -25.42 -9.18 -18.21
C VAL A 15 -25.62 -9.32 -19.72
N HIS A 16 -24.65 -8.86 -20.51
CA HIS A 16 -24.67 -9.05 -21.94
C HIS A 16 -24.13 -10.40 -22.37
N GLY A 17 -23.99 -11.29 -21.40
CA GLY A 17 -23.70 -12.68 -21.63
C GLY A 17 -22.30 -13.04 -22.08
N ASP A 18 -21.40 -12.09 -22.02
CA ASP A 18 -20.03 -12.49 -22.27
C ASP A 18 -19.32 -13.11 -21.04
N ASN A 19 -18.81 -14.33 -21.21
CA ASN A 19 -17.99 -14.99 -20.21
C ASN A 19 -16.56 -14.72 -20.54
N SER A 20 -15.78 -14.34 -19.53
CA SER A 20 -14.36 -14.18 -19.77
C SER A 20 -13.57 -14.41 -18.49
N ARG A 21 -12.25 -14.51 -18.67
CA ARG A 21 -11.34 -14.60 -17.57
C ARG A 21 -10.81 -13.19 -17.31
N SER A 23 -7.91 -12.31 -16.51
CA SER A 23 -6.56 -12.16 -17.06
C SER A 23 -6.62 -11.78 -18.53
N ARG A 24 -7.76 -12.04 -19.18
CA ARG A 24 -7.92 -11.76 -20.59
C ARG A 24 -8.27 -10.31 -20.86
N LEU A 25 -8.59 -9.57 -19.78
N LEU A 25 -8.54 -9.58 -19.77
CA LEU A 25 -8.87 -8.14 -19.90
CA LEU A 25 -8.84 -8.17 -19.87
C LEU A 25 -7.54 -7.40 -19.90
C LEU A 25 -7.54 -7.39 -19.89
N LYS A 26 -7.17 -6.87 -21.06
CA LYS A 26 -5.91 -6.16 -21.17
C LYS A 26 -6.15 -4.73 -20.72
N ALA A 27 -5.21 -4.17 -19.94
CA ALA A 27 -5.20 -2.74 -19.66
C ALA A 27 -3.94 -2.37 -18.87
N GLN A 28 -3.60 -1.10 -18.87
CA GLN A 28 -2.43 -0.64 -18.12
C GLN A 28 -2.63 -0.81 -16.64
N TYR A 29 -3.84 -0.55 -16.17
CA TYR A 29 -4.22 -0.81 -14.77
C TYR A 29 -5.57 -1.44 -14.76
N THR A 30 -5.80 -2.34 -13.80
CA THR A 30 -7.09 -2.93 -13.56
C THR A 30 -7.47 -2.70 -12.10
N LEU A 32 -9.99 -3.95 -9.38
CA LEU A 32 -11.04 -4.89 -9.04
C LEU A 32 -11.93 -4.30 -7.97
N PHE A 33 -13.24 -4.39 -8.17
CA PHE A 33 -14.21 -3.81 -7.25
C PHE A 33 -15.16 -4.91 -6.80
N PHE A 34 -14.91 -5.49 -5.63
CA PHE A 34 -15.78 -6.53 -5.13
C PHE A 34 -16.91 -5.91 -4.40
N TYR A 35 -18.12 -6.19 -4.85
CA TYR A 35 -19.28 -5.48 -4.33
C TYR A 35 -20.48 -6.39 -4.06
N ASP A 36 -21.50 -5.79 -3.45
CA ASP A 36 -22.81 -6.43 -3.36
C ASP A 36 -23.88 -5.49 -3.96
N PRO A 37 -24.89 -6.05 -4.66
CA PRO A 37 -25.93 -5.20 -5.22
C PRO A 37 -26.73 -4.44 -4.17
N ASP A 38 -26.72 -4.93 -2.92
CA ASP A 38 -27.42 -4.24 -1.83
C ASP A 38 -26.41 -3.76 -0.80
N CYS A 39 -25.75 -2.66 -1.08
CA CYS A 39 -24.66 -2.22 -0.22
C CYS A 39 -24.46 -0.75 -0.40
N SER A 40 -24.92 0.04 0.57
CA SER A 40 -24.79 1.50 0.50
C SER A 40 -23.33 1.99 0.46
N ASN A 41 -22.42 1.22 1.08
CA ASN A 41 -21.02 1.56 0.97
C ASN A 41 -20.50 1.40 -0.47
N CYS A 42 -21.03 0.41 -1.18
CA CYS A 42 -20.63 0.22 -2.59
C CYS A 42 -21.14 1.42 -3.42
N ARG A 43 -22.42 1.77 -3.26
CA ARG A 43 -23.02 2.92 -3.95
C ARG A 43 -22.23 4.20 -3.71
N LYS A 44 -21.83 4.47 -2.46
CA LYS A 44 -21.11 5.71 -2.15
C LYS A 44 -19.76 5.76 -2.81
N PHE A 45 -19.01 4.66 -2.79
CA PHE A 45 -17.73 4.58 -3.48
C PHE A 45 -17.92 4.85 -4.98
N GLU A 46 -18.89 4.15 -5.58
CA GLU A 46 -19.27 4.31 -6.99
C GLU A 46 -19.56 5.78 -7.30
N LYS A 47 -20.34 6.43 -6.45
CA LYS A 47 -20.66 7.86 -6.59
C LYS A 47 -19.43 8.76 -6.52
N LEU A 48 -18.55 8.51 -5.54
N LEU A 48 -18.55 8.49 -5.56
CA LEU A 48 -17.36 9.35 -5.36
CA LEU A 48 -17.38 9.35 -5.36
C LEU A 48 -16.36 9.16 -6.49
C LEU A 48 -16.34 9.15 -6.46
N PHE A 49 -16.17 7.90 -6.90
CA PHE A 49 -15.25 7.57 -7.98
C PHE A 49 -15.56 8.42 -9.22
N ALA A 50 -16.85 8.58 -9.55
CA ALA A 50 -17.30 9.27 -10.78
C ALA A 50 -17.04 10.78 -10.70
N GLU A 51 -16.84 11.30 -9.48
CA GLU A 51 -16.51 12.71 -9.34
C GLU A 51 -15.03 13.00 -9.14
N ILE A 52 -14.16 12.05 -9.47
CA ILE A 52 -12.71 12.27 -9.58
C ILE A 52 -12.29 12.28 -11.08
N PRO A 53 -12.02 13.47 -11.65
CA PRO A 53 -12.01 13.53 -13.13
C PRO A 53 -10.90 12.70 -13.78
N ALA A 54 -9.71 12.69 -13.17
CA ALA A 54 -8.60 11.83 -13.59
C ALA A 54 -9.04 10.37 -13.74
N PHE A 55 -9.82 9.90 -12.77
CA PHE A 55 -10.33 8.53 -12.74
C PHE A 55 -11.32 8.31 -13.89
N VAL A 56 -12.26 9.24 -14.06
CA VAL A 56 -13.24 9.14 -15.14
C VAL A 56 -12.54 9.15 -16.55
N GLU A 57 -11.52 10.00 -16.71
N GLU A 57 -11.53 10.01 -16.71
CA GLU A 57 -10.73 10.07 -17.94
CA GLU A 57 -10.75 10.03 -17.94
C GLU A 57 -9.91 8.79 -18.25
C GLU A 57 -10.00 8.72 -18.24
N VAL A 59 -10.68 5.86 -17.15
CA VAL A 59 -11.69 4.84 -17.45
C VAL A 59 -12.15 4.94 -18.90
N GLU A 60 -12.56 6.14 -19.31
CA GLU A 60 -12.96 6.42 -20.71
C GLU A 60 -11.94 5.96 -21.76
N ASN A 61 -10.67 6.32 -21.56
N ASN A 61 -10.67 6.32 -21.50
CA ASN A 61 -9.63 6.03 -22.54
CA ASN A 61 -9.56 6.10 -22.42
C ASN A 61 -9.15 4.56 -22.53
C ASN A 61 -8.85 4.74 -22.25
N GLY A 62 -9.46 3.85 -21.45
CA GLY A 62 -9.06 2.44 -21.31
C GLY A 62 -7.78 2.17 -20.57
N THR A 63 -7.15 3.23 -20.03
CA THR A 63 -5.93 3.17 -19.19
C THR A 63 -6.18 2.44 -17.87
N LEU A 64 -7.36 2.68 -17.32
CA LEU A 64 -7.78 2.02 -16.10
C LEU A 64 -9.13 1.34 -16.37
N ARG A 65 -9.12 0.02 -16.28
CA ARG A 65 -10.24 -0.81 -16.46
C ARG A 65 -10.86 -1.06 -15.08
N VAL A 66 -12.15 -0.81 -14.92
CA VAL A 66 -12.82 -1.26 -13.71
C VAL A 66 -13.56 -2.52 -13.99
N LEU A 67 -13.18 -3.54 -13.21
CA LEU A 67 -13.87 -4.79 -13.22
C LEU A 67 -14.58 -4.95 -11.88
N ALA A 68 -15.88 -4.70 -11.89
CA ALA A 68 -16.72 -4.82 -10.73
C ALA A 68 -17.29 -6.23 -10.73
N ILE A 69 -17.02 -6.94 -9.64
CA ILE A 69 -17.34 -8.33 -9.52
C ILE A 69 -18.22 -8.63 -8.30
N TYR A 70 -19.35 -9.29 -8.54
CA TYR A 70 -20.20 -9.80 -7.44
C TYR A 70 -19.81 -11.26 -7.22
N PRO A 71 -19.41 -11.63 -5.98
CA PRO A 71 -18.87 -12.95 -5.72
C PRO A 71 -19.83 -13.92 -5.10
N ASP A 72 -21.04 -13.46 -4.76
CA ASP A 72 -21.98 -14.30 -4.01
C ASP A 72 -23.10 -14.88 -4.89
N GLU A 73 -24.24 -15.25 -4.29
CA GLU A 73 -25.15 -16.17 -5.00
C GLU A 73 -26.50 -15.62 -5.46
N ASN A 74 -26.81 -14.40 -5.03
CA ASN A 74 -28.01 -13.68 -5.49
C ASN A 74 -27.91 -13.14 -6.91
N ARG A 75 -27.84 -14.04 -7.89
CA ARG A 75 -27.72 -13.66 -9.31
C ARG A 75 -28.87 -12.75 -9.87
N GLU A 76 -30.10 -12.94 -9.37
CA GLU A 76 -31.26 -12.15 -9.80
C GLU A 76 -31.15 -10.71 -9.37
N GLU A 77 -30.90 -10.47 -8.09
CA GLU A 77 -30.65 -9.13 -7.56
C GLU A 77 -29.42 -8.44 -8.21
N TRP A 78 -28.33 -9.19 -8.33
CA TRP A 78 -27.14 -8.76 -9.07
C TRP A 78 -27.47 -8.22 -10.46
N ALA A 79 -28.13 -9.04 -11.26
CA ALA A 79 -28.55 -8.66 -12.63
C ALA A 79 -29.46 -7.41 -12.68
N THR A 80 -30.48 -7.37 -11.85
CA THR A 80 -31.36 -6.20 -11.82
C THR A 80 -30.55 -4.91 -11.65
N LYS A 81 -29.58 -4.96 -10.75
CA LYS A 81 -28.85 -3.74 -10.38
C LYS A 81 -27.63 -3.49 -11.22
N ALA A 82 -27.19 -4.50 -11.97
CA ALA A 82 -25.95 -4.38 -12.72
C ALA A 82 -26.05 -3.21 -13.70
N VAL A 83 -27.25 -3.03 -14.21
CA VAL A 83 -27.64 -2.01 -15.16
C VAL A 83 -27.54 -0.60 -14.63
N TYR A 84 -27.46 -0.44 -13.31
CA TYR A 84 -27.31 0.90 -12.71
C TYR A 84 -25.85 1.22 -12.32
N PRO A 86 -21.77 1.97 -12.58
CA PRO A 86 -21.18 3.09 -13.31
C PRO A 86 -20.90 2.79 -14.80
N GLN A 87 -21.28 3.72 -15.63
CA GLN A 87 -21.06 3.62 -17.05
C GLN A 87 -19.57 3.43 -17.39
N GLY A 88 -19.23 2.48 -18.26
CA GLY A 88 -17.80 2.24 -18.56
C GLY A 88 -17.15 1.11 -17.77
N TRP A 89 -17.69 0.78 -16.60
CA TRP A 89 -17.22 -0.36 -15.80
C TRP A 89 -17.71 -1.65 -16.40
N ILE A 90 -16.86 -2.65 -16.39
CA ILE A 90 -17.27 -4.00 -16.70
C ILE A 90 -17.89 -4.54 -15.42
N VAL A 91 -19.12 -5.06 -15.49
CA VAL A 91 -19.85 -5.52 -14.32
C VAL A 91 -20.08 -7.02 -14.46
N GLY A 92 -19.53 -7.83 -13.55
CA GLY A 92 -19.54 -9.29 -13.70
C GLY A 92 -19.97 -10.06 -12.45
N TRP A 93 -20.46 -11.27 -12.65
CA TRP A 93 -20.80 -12.18 -11.56
C TRP A 93 -19.88 -13.39 -11.69
N ASN A 94 -19.22 -13.77 -10.61
CA ASN A 94 -18.39 -14.98 -10.56
C ASN A 94 -19.30 -16.20 -10.45
N LYS A 95 -19.95 -16.53 -11.58
CA LYS A 95 -20.95 -17.62 -11.68
C LYS A 95 -20.31 -18.92 -11.19
N ALA A 96 -19.03 -19.13 -11.52
CA ALA A 96 -18.32 -20.35 -11.05
C ALA A 96 -18.28 -20.48 -9.52
N GLY A 97 -18.37 -19.36 -8.78
CA GLY A 97 -18.38 -19.37 -7.32
C GLY A 97 -17.03 -19.65 -6.67
N ASP A 98 -15.96 -19.73 -7.46
CA ASP A 98 -14.63 -20.13 -6.93
C ASP A 98 -13.92 -19.06 -6.13
N ILE A 99 -14.27 -17.79 -6.33
CA ILE A 99 -13.68 -16.72 -5.51
C ILE A 99 -13.98 -16.96 -4.01
N ARG A 100 -15.21 -17.31 -3.69
CA ARG A 100 -15.56 -17.66 -2.34
C ARG A 100 -15.10 -19.07 -2.01
N THR A 101 -15.43 -20.08 -2.81
CA THR A 101 -15.13 -21.45 -2.37
C THR A 101 -13.65 -21.74 -2.26
N ARG A 102 -12.80 -21.08 -3.04
CA ARG A 102 -11.35 -21.22 -2.87
C ARG A 102 -10.73 -20.01 -2.17
N GLN A 103 -11.57 -19.04 -1.77
CA GLN A 103 -11.08 -17.88 -1.06
C GLN A 103 -9.98 -17.15 -1.86
N LEU A 104 -10.25 -16.89 -3.16
CA LEU A 104 -9.22 -16.34 -4.01
C LEU A 104 -8.80 -14.93 -3.59
N TYR A 105 -9.76 -14.14 -3.10
CA TYR A 105 -9.46 -12.82 -2.53
C TYR A 105 -10.06 -12.80 -1.17
N ASP A 106 -9.44 -12.07 -0.24
CA ASP A 106 -9.96 -11.92 1.12
C ASP A 106 -10.98 -10.78 1.08
N ILE A 107 -12.22 -11.12 0.79
CA ILE A 107 -13.22 -10.06 0.63
C ILE A 107 -13.88 -9.88 2.02
N ARG A 108 -13.20 -9.09 2.87
CA ARG A 108 -13.60 -8.89 4.27
C ARG A 108 -14.95 -8.20 4.40
N ALA A 109 -15.35 -7.47 3.36
CA ALA A 109 -16.45 -6.51 3.41
C ALA A 109 -16.74 -6.08 1.97
N THR A 110 -17.88 -5.44 1.73
CA THR A 110 -18.13 -4.85 0.41
C THR A 110 -18.25 -3.38 0.63
N PRO A 111 -17.53 -2.58 -0.16
CA PRO A 111 -16.63 -2.93 -1.28
C PRO A 111 -15.26 -3.36 -0.76
N THR A 112 -14.57 -4.21 -1.50
CA THR A 112 -13.14 -4.41 -1.29
C THR A 112 -12.49 -4.11 -2.66
N ILE A 113 -11.42 -3.35 -2.64
CA ILE A 113 -10.83 -2.87 -3.84
C ILE A 113 -9.37 -3.32 -3.89
N TYR A 114 -8.96 -3.77 -5.08
CA TYR A 114 -7.56 -4.03 -5.40
C TYR A 114 -7.16 -3.24 -6.64
N LEU A 115 -5.94 -2.71 -6.65
CA LEU A 115 -5.38 -2.19 -7.88
C LEU A 115 -4.33 -3.17 -8.46
N LEU A 116 -4.46 -3.51 -9.74
CA LEU A 116 -3.50 -4.39 -10.37
C LEU A 116 -2.79 -3.58 -11.44
N ASP A 117 -1.54 -3.94 -11.74
CA ASP A 117 -0.78 -3.29 -12.78
C ASP A 117 -0.97 -3.98 -14.12
N GLY A 118 -0.05 -3.72 -15.04
CA GLY A 118 -0.12 -4.22 -16.39
C GLY A 118 0.04 -5.72 -16.49
N ARG A 119 0.80 -6.30 -15.56
CA ARG A 119 0.95 -7.77 -15.53
C ARG A 119 -0.08 -8.48 -14.63
N LYS A 120 -1.08 -7.73 -14.15
CA LYS A 120 -2.07 -8.24 -13.21
C LYS A 120 -1.42 -8.56 -11.90
N ARG A 121 -0.31 -7.88 -11.62
CA ARG A 121 0.26 -7.97 -10.29
C ARG A 121 -0.51 -7.09 -9.31
N VAL A 122 -0.74 -7.56 -8.07
CA VAL A 122 -1.46 -6.76 -7.08
C VAL A 122 -0.54 -5.63 -6.60
N ILE A 123 -0.86 -4.38 -6.95
CA ILE A 123 -0.01 -3.26 -6.52
C ILE A 123 -0.63 -2.53 -5.34
N LEU A 124 -1.96 -2.51 -5.22
CA LEU A 124 -2.59 -2.09 -3.97
C LEU A 124 -3.58 -3.15 -3.59
N LYS A 125 -3.49 -3.62 -2.35
CA LYS A 125 -4.33 -4.68 -1.81
C LYS A 125 -5.40 -4.17 -0.83
N ASP A 126 -6.68 -4.51 -1.03
CA ASP A 126 -7.75 -4.12 -0.09
C ASP A 126 -7.60 -2.64 0.31
N THR A 127 -7.59 -1.77 -0.69
CA THR A 127 -7.14 -0.43 -0.52
C THR A 127 -8.29 0.58 -0.37
N SER A 128 -7.95 1.86 -0.28
CA SER A 128 -8.95 2.92 -0.16
C SER A 128 -8.84 4.03 -1.20
N GLU A 130 -8.45 7.23 -0.91
CA GLU A 130 -7.28 8.07 -0.64
C GLU A 130 -6.02 7.48 -1.25
N GLN A 131 -5.79 6.18 -0.99
CA GLN A 131 -4.56 5.53 -1.47
C GLN A 131 -4.52 5.43 -2.98
N LEU A 132 -5.68 5.18 -3.58
CA LEU A 132 -5.83 5.13 -5.04
C LEU A 132 -5.50 6.47 -5.71
N ILE A 133 -6.15 7.52 -5.22
CA ILE A 133 -5.96 8.87 -5.73
C ILE A 133 -4.49 9.18 -5.64
N ASP A 134 -3.96 9.02 -4.43
CA ASP A 134 -2.59 9.35 -4.22
C ASP A 134 -1.72 8.60 -5.18
N TYR A 135 -1.95 7.29 -5.31
CA TYR A 135 -1.08 6.48 -6.20
C TYR A 135 -1.25 6.82 -7.68
N LEU A 136 -2.49 7.00 -8.12
CA LEU A 136 -2.75 7.14 -9.56
C LEU A 136 -2.58 8.57 -10.07
N ALA A 137 -2.65 9.56 -9.16
CA ALA A 137 -2.36 10.96 -9.50
C ALA A 137 -0.91 11.45 -9.35
N THR A 138 -0.13 10.91 -8.41
CA THR A 138 1.32 11.22 -8.35
C THR A 138 2.02 10.73 -9.63
N SER B 1 22.12 -3.57 16.59
CA SER B 1 23.51 -3.45 16.07
C SER B 1 24.17 -2.19 16.64
N ASN B 2 25.34 -2.38 17.23
CA ASN B 2 25.99 -1.33 17.98
C ASN B 2 26.78 -0.36 17.12
N ALA B 3 27.02 0.83 17.68
CA ALA B 3 27.80 1.86 16.99
C ALA B 3 29.18 1.34 16.60
N GLY B 4 29.60 1.66 15.39
CA GLY B 4 30.87 1.16 14.85
C GLY B 4 30.73 -0.18 14.14
N LYS B 6 28.77 -3.07 11.61
CA LYS B 6 27.87 -3.12 10.42
C LYS B 6 26.44 -3.32 10.91
N ALA B 7 25.51 -2.49 10.43
CA ALA B 7 24.11 -2.58 10.83
C ALA B 7 23.49 -3.85 10.28
N ALA B 8 22.65 -4.53 11.06
CA ALA B 8 21.98 -5.75 10.61
C ALA B 8 21.14 -5.46 9.35
N ASP B 9 21.32 -6.30 8.34
CA ASP B 9 20.61 -6.18 7.10
C ASP B 9 19.34 -6.99 7.26
N PHE B 10 18.33 -6.67 6.47
CA PHE B 10 16.98 -7.25 6.64
C PHE B 10 16.14 -6.90 5.41
N THR B 11 15.10 -7.69 5.21
CA THR B 11 14.20 -7.52 4.09
C THR B 11 12.95 -6.80 4.56
N TYR B 12 12.48 -5.87 3.75
CA TYR B 12 11.13 -5.29 4.00
C TYR B 12 10.23 -5.39 2.76
N VAL B 13 8.92 -5.19 2.95
CA VAL B 13 7.99 -5.07 1.82
C VAL B 13 7.38 -3.67 1.81
N THR B 14 7.25 -3.10 0.62
CA THR B 14 6.59 -1.82 0.46
C THR B 14 5.08 -2.08 0.51
N VAL B 15 4.27 -1.03 0.46
CA VAL B 15 2.81 -1.23 0.34
C VAL B 15 2.40 -1.94 -0.98
N HIS B 16 3.26 -1.85 -2.00
CA HIS B 16 3.01 -2.59 -3.25
C HIS B 16 3.44 -4.06 -3.20
N GLY B 17 3.89 -4.49 -2.04
CA GLY B 17 4.25 -5.90 -1.83
C GLY B 17 5.60 -6.25 -2.42
N ASP B 18 6.40 -5.27 -2.85
CA ASP B 18 7.77 -5.59 -3.33
C ASP B 18 8.72 -5.71 -2.12
N ASN B 19 9.50 -6.78 -2.03
CA ASN B 19 10.48 -6.83 -0.97
C ASN B 19 11.81 -6.30 -1.47
N SER B 20 12.57 -5.73 -0.56
CA SER B 20 13.96 -5.40 -0.82
C SER B 20 14.76 -5.51 0.46
N ARG B 21 16.05 -5.20 0.33
CA ARG B 21 17.03 -5.39 1.38
C ARG B 21 17.45 -3.99 1.79
N SER B 23 20.24 -3.06 2.75
CA SER B 23 21.60 -2.83 2.28
C SER B 23 21.65 -2.32 0.84
N ARG B 24 20.58 -2.47 0.05
CA ARG B 24 20.62 -1.97 -1.35
C ARG B 24 20.69 -0.46 -1.47
N LEU B 25 20.12 0.21 -0.45
CA LEU B 25 20.02 1.65 -0.42
C LEU B 25 21.39 2.28 -0.44
N LYS B 26 21.60 3.21 -1.34
CA LYS B 26 22.87 3.91 -1.40
C LYS B 26 22.62 5.37 -1.05
N ALA B 27 23.35 5.87 -0.05
CA ALA B 27 23.27 7.28 0.38
C ALA B 27 24.42 7.57 1.30
N GLN B 28 24.85 8.82 1.37
CA GLN B 28 25.86 9.23 2.37
C GLN B 28 25.46 8.82 3.82
N TYR B 29 24.18 8.92 4.12
CA TYR B 29 23.64 8.51 5.41
C TYR B 29 22.35 7.76 5.19
N THR B 30 22.04 6.81 6.06
CA THR B 30 20.73 6.17 6.05
C THR B 30 20.17 6.17 7.46
N LEU B 32 17.31 4.76 9.88
CA LEU B 32 16.24 3.80 10.15
C LEU B 32 15.24 4.28 11.18
N PHE B 33 13.94 4.23 10.85
CA PHE B 33 12.91 4.75 11.75
C PHE B 33 11.96 3.61 12.05
N PHE B 34 12.08 3.00 13.25
CA PHE B 34 11.16 1.90 13.60
C PHE B 34 9.99 2.48 14.33
N TYR B 35 8.78 2.30 13.78
CA TYR B 35 7.66 3.02 14.29
C TYR B 35 6.44 2.10 14.37
N ASP B 36 5.41 2.63 15.04
CA ASP B 36 4.05 2.09 15.01
C ASP B 36 3.11 3.11 14.34
N PRO B 37 2.17 2.66 13.48
CA PRO B 37 1.25 3.57 12.79
C PRO B 37 0.32 4.36 13.70
N ASP B 38 0.21 4.00 14.97
CA ASP B 38 -0.68 4.74 15.86
C ASP B 38 0.05 5.27 17.09
N CYS B 39 1.32 5.60 16.93
CA CYS B 39 2.13 5.95 18.06
C CYS B 39 2.33 7.46 18.03
N SER B 40 1.98 8.09 19.14
CA SER B 40 1.94 9.54 19.24
C SER B 40 3.35 10.15 19.29
N ASN B 41 4.30 9.40 19.84
CA ASN B 41 5.69 9.82 19.87
C ASN B 41 6.29 9.73 18.45
N CYS B 42 5.81 8.76 17.67
CA CYS B 42 6.19 8.61 16.24
C CYS B 42 5.73 9.86 15.45
N ARG B 43 4.45 10.20 15.55
CA ARG B 43 3.89 11.41 14.91
C ARG B 43 4.67 12.63 15.27
N LYS B 44 5.02 12.75 16.54
CA LYS B 44 5.80 13.88 16.99
C LYS B 44 7.17 13.97 16.27
N PHE B 45 7.93 12.88 16.28
CA PHE B 45 9.19 12.83 15.54
C PHE B 45 9.00 13.20 14.07
N GLU B 46 7.98 12.62 13.41
CA GLU B 46 7.77 12.84 11.98
C GLU B 46 7.49 14.31 11.71
N LYS B 47 6.69 14.91 12.59
CA LYS B 47 6.28 16.30 12.45
C LYS B 47 7.51 17.24 12.63
N LEU B 48 8.32 16.97 13.65
N LEU B 48 8.32 16.98 13.64
CA LEU B 48 9.51 17.75 13.93
CA LEU B 48 9.51 17.77 13.90
C LEU B 48 10.58 17.65 12.81
C LEU B 48 10.55 17.66 12.78
N PHE B 49 10.71 16.46 12.23
CA PHE B 49 11.70 16.22 11.20
C PHE B 49 11.36 17.09 9.97
N ALA B 50 10.08 17.14 9.59
CA ALA B 50 9.56 17.97 8.50
C ALA B 50 9.80 19.46 8.73
N GLU B 51 10.13 19.84 9.95
CA GLU B 51 10.35 21.25 10.24
C GLU B 51 11.82 21.63 10.27
N ILE B 52 12.68 20.73 9.84
CA ILE B 52 14.11 21.02 9.83
C ILE B 52 14.49 21.11 8.36
N PRO B 53 14.49 22.32 7.80
CA PRO B 53 14.71 22.44 6.35
C PRO B 53 15.96 21.70 5.84
N ALA B 54 17.05 21.70 6.61
CA ALA B 54 18.27 21.00 6.17
C ALA B 54 18.06 19.50 6.02
N PHE B 55 17.26 18.91 6.91
CA PHE B 55 16.95 17.48 6.84
C PHE B 55 16.06 17.18 5.64
N VAL B 56 15.02 17.99 5.43
CA VAL B 56 14.11 17.83 4.30
C VAL B 56 14.90 17.90 2.97
N GLU B 57 15.83 18.84 2.89
N GLU B 57 15.84 18.83 2.86
CA GLU B 57 16.70 18.98 1.70
CA GLU B 57 16.64 18.94 1.63
C GLU B 57 17.59 17.76 1.48
C GLU B 57 17.66 17.79 1.46
N VAL B 59 16.99 14.74 2.37
CA VAL B 59 16.07 13.70 1.83
C VAL B 59 15.78 13.89 0.33
N GLU B 60 15.36 15.11 -0.08
CA GLU B 60 15.17 15.37 -1.50
C GLU B 60 16.44 15.11 -2.32
N ASN B 61 17.58 15.66 -1.90
CA ASN B 61 18.77 15.55 -2.74
C ASN B 61 19.51 14.18 -2.62
N GLY B 62 18.94 13.24 -1.84
CA GLY B 62 19.49 11.88 -1.71
C GLY B 62 20.72 11.73 -0.84
N THR B 63 21.11 12.80 -0.16
CA THR B 63 22.17 12.77 0.86
C THR B 63 21.73 11.88 2.05
N LEU B 64 20.45 11.95 2.39
CA LEU B 64 19.91 11.15 3.49
C LEU B 64 18.74 10.31 2.98
N ARG B 65 18.89 9.00 3.10
CA ARG B 65 17.83 8.08 2.78
C ARG B 65 17.14 7.78 4.11
N VAL B 66 15.81 7.81 4.14
CA VAL B 66 15.07 7.51 5.37
C VAL B 66 14.27 6.27 5.06
N LEU B 67 14.49 5.23 5.88
CA LEU B 67 13.72 4.01 5.76
C LEU B 67 12.92 3.77 7.05
N ALA B 68 11.62 3.99 6.92
CA ALA B 68 10.69 3.85 8.03
C ALA B 68 10.11 2.46 8.00
N ILE B 69 10.27 1.71 9.10
CA ILE B 69 9.95 0.28 9.11
C ILE B 69 8.97 -0.08 10.21
N TYR B 70 7.86 -0.73 9.88
CA TYR B 70 6.98 -1.22 10.90
C TYR B 70 7.39 -2.64 11.25
N PRO B 71 7.74 -2.88 12.53
CA PRO B 71 8.35 -4.16 12.86
C PRO B 71 7.37 -5.19 13.38
N ASP B 72 6.11 -4.80 13.59
CA ASP B 72 5.17 -5.75 14.16
C ASP B 72 4.28 -6.42 13.13
N GLU B 73 3.11 -6.91 13.55
CA GLU B 73 2.41 -7.94 12.72
C GLU B 73 1.16 -7.56 11.94
N ASN B 74 0.58 -6.39 12.22
CA ASN B 74 -0.67 -5.99 11.56
C ASN B 74 -0.54 -5.16 10.30
N ARG B 75 -0.54 -5.82 9.16
CA ARG B 75 -0.49 -5.16 7.88
C ARG B 75 -1.62 -4.13 7.78
N GLU B 76 -2.83 -4.50 8.22
CA GLU B 76 -4.01 -3.62 8.02
C GLU B 76 -3.81 -2.28 8.74
N GLU B 77 -3.30 -2.31 9.97
N GLU B 77 -3.28 -2.33 9.96
CA GLU B 77 -2.97 -1.07 10.72
CA GLU B 77 -2.91 -1.15 10.74
C GLU B 77 -1.93 -0.20 10.00
C GLU B 77 -1.94 -0.23 10.01
N TRP B 78 -1.04 -0.85 9.26
CA TRP B 78 0.12 -0.20 8.66
C TRP B 78 -0.10 0.37 7.26
N ALA B 79 -0.75 -0.42 6.40
CA ALA B 79 -0.75 -0.15 4.96
C ALA B 79 -1.50 1.11 4.58
N THR B 80 -2.65 1.32 5.18
CA THR B 80 -3.47 2.43 4.76
C THR B 80 -3.01 3.75 5.42
N LYS B 81 -2.27 3.64 6.52
CA LYS B 81 -1.65 4.82 7.11
C LYS B 81 -0.35 5.25 6.42
N ALA B 82 0.23 4.36 5.63
CA ALA B 82 1.49 4.63 4.94
C ALA B 82 1.44 5.94 4.13
N VAL B 83 0.29 6.22 3.52
CA VAL B 83 0.13 7.41 2.68
C VAL B 83 0.41 8.73 3.43
N TYR B 84 0.20 8.75 4.76
CA TYR B 84 0.46 9.99 5.52
C TYR B 84 1.88 10.14 6.07
N PRO B 86 6.02 10.84 6.28
CA PRO B 86 6.69 12.03 5.71
C PRO B 86 7.13 11.92 4.26
N GLN B 87 7.17 13.07 3.60
CA GLN B 87 7.59 13.22 2.23
C GLN B 87 8.94 12.57 1.99
N GLY B 88 9.00 11.73 0.95
CA GLY B 88 10.25 11.13 0.51
C GLY B 88 10.81 9.99 1.36
N TRP B 89 10.15 9.68 2.48
CA TRP B 89 10.53 8.51 3.27
C TRP B 89 10.06 7.24 2.59
N ILE B 90 10.90 6.23 2.52
CA ILE B 90 10.48 4.86 2.15
C ILE B 90 9.71 4.17 3.27
N VAL B 91 8.53 3.64 2.99
CA VAL B 91 7.73 3.08 4.06
C VAL B 91 7.75 1.54 3.87
N GLY B 92 8.21 0.81 4.88
CA GLY B 92 8.32 -0.62 4.75
C GLY B 92 7.73 -1.39 5.91
N TRP B 93 7.56 -2.69 5.69
CA TRP B 93 7.12 -3.58 6.72
C TRP B 93 8.08 -4.80 6.76
N ASN B 94 8.65 -5.06 7.93
CA ASN B 94 9.51 -6.23 8.11
C ASN B 94 8.61 -7.43 8.34
N LYS B 95 7.98 -7.88 7.25
CA LYS B 95 6.97 -8.95 7.29
C LYS B 95 7.57 -10.24 7.84
N ALA B 96 8.86 -10.49 7.61
CA ALA B 96 9.49 -11.72 8.16
C ALA B 96 9.47 -11.73 9.70
N GLY B 97 9.47 -10.54 10.33
CA GLY B 97 9.43 -10.48 11.77
C GLY B 97 10.75 -10.80 12.44
N ASP B 98 11.83 -10.95 11.67
CA ASP B 98 13.15 -11.25 12.21
C ASP B 98 13.78 -10.06 12.96
N ILE B 99 13.40 -8.83 12.69
CA ILE B 99 14.02 -7.77 13.51
C ILE B 99 13.64 -7.98 14.99
N ARG B 100 12.35 -8.28 15.26
CA ARG B 100 11.91 -8.52 16.64
C ARG B 100 12.50 -9.84 17.10
N THR B 101 12.26 -10.92 16.38
CA THR B 101 12.61 -12.27 16.88
C THR B 101 14.11 -12.53 17.05
N ARG B 102 14.95 -11.85 16.27
CA ARG B 102 16.38 -12.08 16.40
C ARG B 102 17.02 -10.88 17.06
N GLN B 103 16.19 -9.91 17.47
CA GLN B 103 16.70 -8.71 18.13
C GLN B 103 17.84 -8.11 17.32
N LEU B 104 17.62 -7.97 16.02
CA LEU B 104 18.61 -7.39 15.10
C LEU B 104 18.93 -5.97 15.44
N TYR B 105 17.90 -5.24 15.90
CA TYR B 105 18.04 -3.88 16.41
C TYR B 105 17.42 -3.78 17.79
N ASP B 106 17.93 -2.89 18.63
CA ASP B 106 17.41 -2.79 19.98
C ASP B 106 16.18 -1.85 19.93
N ILE B 107 14.98 -2.39 19.70
CA ILE B 107 13.81 -1.51 19.58
C ILE B 107 13.10 -1.38 20.95
N ARG B 108 13.56 -0.45 21.79
CA ARG B 108 12.98 -0.41 23.14
C ARG B 108 11.66 0.30 23.22
N ALA B 109 11.34 1.09 22.21
CA ALA B 109 10.10 1.89 22.17
C ALA B 109 9.84 2.29 20.73
N THR B 110 8.64 2.77 20.45
CA THR B 110 8.40 3.45 19.17
C THR B 110 8.32 4.95 19.42
N PRO B 111 9.07 5.74 18.62
CA PRO B 111 9.99 5.33 17.57
C PRO B 111 11.32 4.88 18.11
N THR B 112 12.03 4.04 17.36
CA THR B 112 13.45 3.85 17.63
C THR B 112 14.21 4.29 16.38
N ILE B 113 15.24 5.09 16.57
CA ILE B 113 15.92 5.69 15.45
C ILE B 113 17.39 5.30 15.42
N TYR B 114 17.88 4.86 14.26
CA TYR B 114 19.30 4.54 14.05
C TYR B 114 19.84 5.37 12.88
N LEU B 115 21.03 5.94 13.03
CA LEU B 115 21.70 6.58 11.89
C LEU B 115 22.92 5.79 11.41
N LEU B 116 22.98 5.50 10.10
CA LEU B 116 24.03 4.69 9.51
C LEU B 116 24.83 5.50 8.51
N ASP B 117 26.12 5.15 8.33
CA ASP B 117 26.98 5.88 7.38
C ASP B 117 26.87 5.30 5.95
N GLY B 118 27.72 5.76 5.03
CA GLY B 118 27.69 5.30 3.63
C GLY B 118 27.87 3.78 3.46
N ARG B 119 28.57 3.17 4.42
CA ARG B 119 28.84 1.74 4.35
C ARG B 119 27.92 0.99 5.28
N LYS B 120 26.89 1.68 5.79
CA LYS B 120 25.93 1.10 6.73
C LYS B 120 26.55 0.56 8.01
N ARG B 121 27.58 1.25 8.52
CA ARG B 121 27.98 1.09 9.92
C ARG B 121 27.09 1.99 10.77
N VAL B 122 26.71 1.53 11.96
CA VAL B 122 25.93 2.37 12.86
C VAL B 122 26.77 3.55 13.34
N ILE B 123 26.31 4.78 13.07
CA ILE B 123 26.93 5.94 13.69
C ILE B 123 26.19 6.30 15.00
N LEU B 124 24.85 6.36 14.97
CA LEU B 124 24.07 6.64 16.16
C LEU B 124 23.08 5.50 16.39
N LYS B 125 23.10 4.90 17.58
CA LYS B 125 22.20 3.81 17.83
C LYS B 125 21.13 4.27 18.81
N ASP B 126 19.88 3.99 18.48
CA ASP B 126 18.79 4.32 19.40
C ASP B 126 18.88 5.79 19.84
N THR B 127 18.99 6.68 18.85
CA THR B 127 19.15 8.09 19.05
C THR B 127 17.82 8.86 19.10
N SER B 128 17.96 10.17 19.18
CA SER B 128 16.83 11.10 19.26
C SER B 128 17.02 12.23 18.27
N GLU B 130 17.26 15.42 18.99
N GLU B 130 17.26 15.38 18.99
CA GLU B 130 18.26 16.41 19.42
CA GLU B 130 18.30 16.28 19.53
C GLU B 130 19.69 15.92 19.11
C GLU B 130 19.68 15.87 19.04
N GLN B 131 19.96 14.65 19.37
N GLN B 131 19.99 14.62 19.33
CA GLN B 131 21.27 14.06 19.04
CA GLN B 131 21.29 14.05 19.04
C GLN B 131 21.50 14.01 17.53
C GLN B 131 21.52 13.96 17.53
N LEU B 132 20.44 13.69 16.79
CA LEU B 132 20.49 13.63 15.33
C LEU B 132 20.87 15.01 14.77
N ILE B 133 20.20 16.04 15.29
CA ILE B 133 20.49 17.38 14.86
C ILE B 133 21.97 17.72 15.20
N ASP B 134 22.34 17.45 16.45
CA ASP B 134 23.71 17.75 16.97
C ASP B 134 24.76 17.05 16.12
N TYR B 135 24.55 15.76 15.83
CA TYR B 135 25.59 15.01 15.10
C TYR B 135 25.76 15.59 13.69
N LEU B 136 24.69 15.73 12.94
CA LEU B 136 24.86 16.27 11.58
C LEU B 136 25.52 17.68 11.49
N ALA B 137 25.51 18.45 12.59
CA ALA B 137 25.96 19.87 12.59
C ALA B 137 27.48 20.12 12.45
#